data_7CUJ
#
_entry.id   7CUJ
#
_cell.length_a   58.300
_cell.length_b   71.752
_cell.length_c   95.180
_cell.angle_alpha   90.000
_cell.angle_beta   103.890
_cell.angle_gamma   90.000
#
_symmetry.space_group_name_H-M   'P 1 21 1'
#
loop_
_entity.id
_entity.type
_entity.pdbx_description
1 polymer 'Coiled-coil quantitatively-enriched protein 1'
2 polymer 'Protection of telomeres protein tpz1'
3 water water
#
loop_
_entity_poly.entity_id
_entity_poly.type
_entity_poly.pdbx_seq_one_letter_code
_entity_poly.pdbx_strand_id
1 'polypeptide(L)'
;ITKSSKSSFSVLDIGLPMSALQRKMMHRLVQYFAFCIDHFCTGPSDSRIQEKIRLFIQSAHNIAKHPSLYDTEVRNPSAA
ESTNSHVSLDASNFSSYAENSSKFLFLQELFKNLSPSYSKTFFLFISNQFLANTLTQWLKSQNIDAELWAEEDAKTSQHP
AIWICVSKKAPSASHFLQSCPDLSATIFYDIEAYMSVTSSLPSIQSLVLRLIHLGSIEHAIKCFQSSYNASFLVNIVGVV
ATLSSSSEENSEASNLSTLFEKSGNFEEILGSESHSSITEKTRDIAKNVATWLKNGENFSSWPLPPLMDLASLSVAE
;
A,B
2 'polypeptide(L)' QIELEYKRKPIPDYDFMKGLETTLQELYVEHQSKKRRLELFQLTN C,D
#
# COMPACT_ATOMS: atom_id res chain seq x y z
N SER A 10 27.39 -2.28 -32.03
CA SER A 10 28.63 -2.21 -31.21
C SER A 10 28.32 -2.71 -29.80
N VAL A 11 27.19 -2.25 -29.25
CA VAL A 11 26.67 -2.67 -27.96
C VAL A 11 25.66 -3.79 -28.22
N LEU A 12 25.96 -4.99 -27.70
CA LEU A 12 25.13 -6.16 -27.95
C LEU A 12 24.56 -6.71 -26.65
N ASP A 13 23.30 -7.17 -26.71
CA ASP A 13 22.58 -7.67 -25.55
C ASP A 13 22.58 -9.20 -25.54
N ILE A 14 22.77 -9.76 -24.33
CA ILE A 14 22.64 -11.18 -24.08
C ILE A 14 21.46 -11.37 -23.13
N GLY A 15 20.32 -11.81 -23.70
CA GLY A 15 19.13 -12.08 -22.91
C GLY A 15 19.24 -13.42 -22.17
N LEU A 16 19.21 -13.36 -20.84
CA LEU A 16 19.33 -14.52 -19.99
C LEU A 16 18.08 -14.63 -19.12
N PRO A 17 17.51 -15.84 -18.94
CA PRO A 17 16.24 -15.99 -18.22
C PRO A 17 16.42 -15.88 -16.70
N MET A 18 15.38 -15.40 -16.02
CA MET A 18 15.38 -15.32 -14.57
C MET A 18 14.98 -16.68 -13.99
N SER A 19 15.49 -16.95 -12.78
CA SER A 19 15.15 -18.16 -12.05
C SER A 19 13.76 -18.02 -11.43
N ALA A 20 13.22 -19.14 -10.95
CA ALA A 20 11.92 -19.16 -10.29
C ALA A 20 11.93 -18.24 -9.07
N LEU A 21 13.06 -18.23 -8.35
CA LEU A 21 13.27 -17.42 -7.16
C LEU A 21 13.18 -15.95 -7.52
N GLN A 22 13.88 -15.54 -8.58
CA GLN A 22 13.94 -14.15 -9.00
C GLN A 22 12.55 -13.66 -9.37
N ARG A 23 11.76 -14.52 -10.03
CA ARG A 23 10.42 -14.18 -10.47
C ARG A 23 9.50 -14.00 -9.26
N LYS A 24 9.61 -14.92 -8.29
CA LYS A 24 8.86 -14.84 -7.06
C LYS A 24 9.14 -13.50 -6.39
N MET A 25 10.43 -13.15 -6.33
CA MET A 25 10.88 -11.95 -5.66
C MET A 25 10.34 -10.70 -6.37
N MET A 26 10.32 -10.74 -7.70
CA MET A 26 9.78 -9.67 -8.51
C MET A 26 8.29 -9.53 -8.27
N HIS A 27 7.60 -10.67 -8.14
CA HIS A 27 6.17 -10.71 -7.88
C HIS A 27 5.87 -10.13 -6.50
N ARG A 28 6.66 -10.52 -5.50
CA ARG A 28 6.52 -10.06 -4.14
C ARG A 28 6.75 -8.55 -4.07
N LEU A 29 7.76 -8.09 -4.82
CA LEU A 29 8.18 -6.69 -4.82
C LEU A 29 7.07 -5.80 -5.34
N VAL A 30 6.50 -6.17 -6.50
CA VAL A 30 5.45 -5.40 -7.14
C VAL A 30 4.20 -5.37 -6.25
N GLN A 31 3.93 -6.51 -5.61
CA GLN A 31 2.79 -6.68 -4.72
C GLN A 31 2.93 -5.74 -3.52
N TYR A 32 4.13 -5.69 -2.94
CA TYR A 32 4.44 -4.87 -1.78
C TYR A 32 4.33 -3.39 -2.13
N PHE A 33 4.61 -3.07 -3.41
CA PHE A 33 4.60 -1.70 -3.91
C PHE A 33 3.33 -1.44 -4.73
N ALA A 34 2.31 -2.29 -4.59
CA ALA A 34 1.17 -2.26 -5.50
C ALA A 34 0.52 -0.88 -5.51
N PHE A 35 0.18 -0.35 -4.32
CA PHE A 35 -0.47 0.94 -4.17
C PHE A 35 0.40 2.03 -4.80
N CYS A 36 1.68 2.05 -4.41
CA CYS A 36 2.66 3.05 -4.81
C CYS A 36 2.85 3.06 -6.33
N ILE A 37 2.90 1.88 -6.95
CA ILE A 37 3.09 1.75 -8.38
C ILE A 37 1.86 2.28 -9.09
N ASP A 38 0.68 1.87 -8.62
CA ASP A 38 -0.59 2.28 -9.21
C ASP A 38 -0.72 3.80 -9.15
N HIS A 39 -0.34 4.39 -8.02
CA HIS A 39 -0.42 5.82 -7.81
C HIS A 39 0.52 6.54 -8.78
N PHE A 40 1.77 6.11 -8.81
CA PHE A 40 2.84 6.76 -9.56
C PHE A 40 2.61 6.66 -11.06
N CYS A 41 2.01 5.54 -11.50
CA CYS A 41 1.91 5.23 -12.91
C CYS A 41 0.60 5.73 -13.54
N THR A 42 -0.30 6.30 -12.73
CA THR A 42 -1.60 6.72 -13.25
C THR A 42 -1.84 8.23 -13.13
N GLY A 43 -0.84 8.97 -12.65
CA GLY A 43 -1.01 10.41 -12.53
C GLY A 43 0.18 11.11 -11.85
N PRO A 44 0.13 12.45 -11.70
CA PRO A 44 1.15 13.18 -10.94
C PRO A 44 1.28 12.66 -9.52
N SER A 45 2.51 12.58 -9.03
CA SER A 45 2.80 12.09 -7.69
C SER A 45 3.77 13.04 -6.99
N ASP A 46 3.73 13.03 -5.65
CA ASP A 46 4.58 13.91 -4.85
C ASP A 46 6.00 13.37 -4.80
N SER A 47 6.90 14.18 -4.22
CA SER A 47 8.32 13.91 -4.14
C SER A 47 8.62 12.63 -3.36
N ARG A 48 7.83 12.37 -2.32
CA ARG A 48 8.07 11.24 -1.43
C ARG A 48 7.62 9.93 -2.09
N ILE A 49 6.61 10.00 -2.96
CA ILE A 49 6.18 8.86 -3.75
C ILE A 49 7.32 8.46 -4.69
N GLN A 50 7.91 9.48 -5.33
CA GLN A 50 8.99 9.30 -6.28
C GLN A 50 10.23 8.71 -5.60
N GLU A 51 10.44 9.11 -4.35
CA GLU A 51 11.53 8.61 -3.51
C GLU A 51 11.35 7.10 -3.30
N LYS A 52 10.10 6.68 -3.06
CA LYS A 52 9.77 5.30 -2.80
C LYS A 52 9.88 4.46 -4.08
N ILE A 53 9.59 5.08 -5.23
CA ILE A 53 9.70 4.39 -6.50
C ILE A 53 11.17 4.11 -6.81
N ARG A 54 12.07 5.00 -6.36
CA ARG A 54 13.49 4.79 -6.55
C ARG A 54 13.96 3.56 -5.77
N LEU A 55 13.34 3.31 -4.61
CA LEU A 55 13.64 2.14 -3.82
C LEU A 55 13.13 0.88 -4.52
N PHE A 56 11.97 0.99 -5.17
CA PHE A 56 11.41 -0.09 -5.96
C PHE A 56 12.38 -0.45 -7.08
N ILE A 57 12.87 0.58 -7.79
CA ILE A 57 13.78 0.38 -8.91
C ILE A 57 15.08 -0.26 -8.43
N GLN A 58 15.59 0.20 -7.28
CA GLN A 58 16.84 -0.31 -6.72
C GLN A 58 16.69 -1.79 -6.40
N SER A 59 15.59 -2.15 -5.74
CA SER A 59 15.28 -3.52 -5.35
C SER A 59 15.20 -4.43 -6.59
N ALA A 60 14.62 -3.90 -7.67
CA ALA A 60 14.44 -4.65 -8.91
C ALA A 60 15.81 -4.90 -9.55
N HIS A 61 16.66 -3.87 -9.53
CA HIS A 61 18.05 -3.99 -9.95
C HIS A 61 18.74 -5.10 -9.16
N ASN A 62 18.54 -5.10 -7.84
CA ASN A 62 19.23 -6.02 -6.95
C ASN A 62 18.84 -7.46 -7.25
N ILE A 63 17.54 -7.71 -7.42
CA ILE A 63 17.01 -9.02 -7.74
C ILE A 63 17.62 -9.50 -9.05
N ALA A 64 17.81 -8.56 -9.99
CA ALA A 64 18.33 -8.86 -11.32
C ALA A 64 19.83 -9.13 -11.26
N LYS A 65 20.51 -8.56 -10.26
CA LYS A 65 21.93 -8.83 -10.06
C LYS A 65 22.09 -10.22 -9.48
N HIS A 66 21.56 -10.42 -8.26
CA HIS A 66 21.53 -11.74 -7.65
C HIS A 66 20.51 -11.76 -6.51
N PRO A 67 19.61 -12.77 -6.45
CA PRO A 67 18.62 -12.84 -5.37
C PRO A 67 19.23 -12.97 -3.97
N SER A 68 20.48 -13.47 -3.90
CA SER A 68 21.13 -13.73 -2.62
C SER A 68 21.61 -12.42 -1.96
N LEU A 69 21.38 -11.29 -2.62
CA LEU A 69 21.52 -10.00 -1.97
C LEU A 69 20.50 -9.84 -0.85
N TYR A 70 19.51 -10.75 -0.78
CA TYR A 70 18.49 -10.75 0.27
C TYR A 70 18.61 -11.99 1.15
N ASP A 71 19.79 -12.62 1.11
CA ASP A 71 20.16 -13.65 2.08
C ASP A 71 20.79 -12.95 3.27
N THR A 72 20.35 -13.33 4.48
CA THR A 72 20.85 -12.71 5.71
C THR A 72 22.18 -13.36 6.12
N GLU A 73 22.36 -14.63 5.73
CA GLU A 73 23.38 -15.47 6.33
C GLU A 73 24.63 -15.56 5.44
N VAL A 74 25.74 -15.92 6.08
CA VAL A 74 27.01 -16.14 5.42
C VAL A 74 26.92 -17.46 4.66
N ARG A 75 27.21 -17.43 3.35
CA ARG A 75 27.00 -18.60 2.53
C ARG A 75 28.29 -19.01 1.83
N ASN A 76 28.50 -20.33 1.72
CA ASN A 76 29.46 -20.90 0.80
C ASN A 76 28.96 -20.63 -0.63
N PHE A 94 30.96 -19.06 -1.31
CA PHE A 94 31.08 -19.02 -2.78
C PHE A 94 30.83 -20.41 -3.37
N SER A 95 30.22 -20.43 -4.57
CA SER A 95 29.86 -21.63 -5.32
C SER A 95 28.48 -22.15 -4.94
N SER A 96 27.78 -21.41 -4.07
CA SER A 96 26.36 -21.65 -3.80
C SER A 96 25.50 -20.94 -4.84
N TYR A 97 26.13 -20.02 -5.59
CA TYR A 97 25.44 -18.86 -6.13
C TYR A 97 24.89 -19.11 -7.54
N ALA A 98 25.63 -19.87 -8.36
CA ALA A 98 25.28 -20.06 -9.77
C ALA A 98 23.97 -20.85 -9.90
N GLU A 99 23.42 -21.30 -8.78
CA GLU A 99 22.19 -22.09 -8.75
C GLU A 99 21.01 -21.24 -9.23
N ASN A 100 21.01 -19.95 -8.87
CA ASN A 100 19.85 -19.10 -9.09
C ASN A 100 20.18 -17.92 -9.99
N SER A 101 21.37 -17.92 -10.61
CA SER A 101 21.75 -16.83 -11.51
C SER A 101 22.20 -17.38 -12.86
N SER A 102 21.43 -17.06 -13.90
CA SER A 102 21.77 -17.37 -15.28
C SER A 102 23.03 -16.61 -15.69
N LYS A 103 23.34 -15.53 -14.97
CA LYS A 103 24.47 -14.68 -15.31
C LYS A 103 25.77 -15.35 -14.89
N PHE A 104 25.81 -15.87 -13.66
CA PHE A 104 26.95 -16.62 -13.15
C PHE A 104 27.21 -17.84 -14.04
N LEU A 105 26.13 -18.58 -14.35
CA LEU A 105 26.22 -19.79 -15.15
C LEU A 105 26.73 -19.44 -16.55
N PHE A 106 26.23 -18.33 -17.10
CA PHE A 106 26.65 -17.87 -18.42
C PHE A 106 28.17 -17.67 -18.43
N LEU A 107 28.68 -16.95 -17.42
CA LEU A 107 30.08 -16.58 -17.36
C LEU A 107 30.95 -17.83 -17.21
N GLN A 108 30.44 -18.83 -16.46
CA GLN A 108 31.14 -20.09 -16.25
C GLN A 108 31.28 -20.83 -17.58
N GLU A 109 30.15 -20.97 -18.29
CA GLU A 109 30.06 -21.79 -19.48
C GLU A 109 30.75 -21.10 -20.65
N LEU A 110 30.89 -19.77 -20.57
CA LEU A 110 31.57 -19.01 -21.62
C LEU A 110 33.04 -19.40 -21.66
N PHE A 111 33.71 -19.33 -20.49
CA PHE A 111 35.13 -19.60 -20.39
C PHE A 111 35.41 -21.09 -20.54
N LYS A 112 34.43 -21.92 -20.15
CA LYS A 112 34.50 -23.37 -20.27
C LYS A 112 34.66 -23.76 -21.74
N ASN A 113 33.98 -23.00 -22.62
CA ASN A 113 33.95 -23.30 -24.05
C ASN A 113 34.87 -22.35 -24.82
N LEU A 114 35.56 -21.45 -24.10
CA LEU A 114 36.48 -20.52 -24.72
C LEU A 114 37.90 -21.10 -24.68
N SER A 115 38.20 -21.84 -23.59
CA SER A 115 39.39 -22.67 -23.49
C SER A 115 40.65 -21.83 -23.40
N PRO A 116 41.87 -22.42 -23.43
CA PRO A 116 43.11 -21.63 -23.35
C PRO A 116 43.61 -21.05 -24.67
N SER A 117 42.88 -21.30 -25.75
CA SER A 117 43.26 -20.82 -27.08
C SER A 117 43.07 -19.30 -27.16
N TYR A 118 41.86 -18.84 -26.81
CA TYR A 118 41.48 -17.44 -26.84
C TYR A 118 42.36 -16.64 -25.89
N SER A 119 42.76 -15.44 -26.31
CA SER A 119 43.67 -14.60 -25.54
C SER A 119 43.39 -13.12 -25.74
N LYS A 120 42.16 -12.69 -25.41
CA LYS A 120 41.81 -11.29 -25.27
C LYS A 120 41.42 -11.05 -23.81
N THR A 121 41.67 -9.83 -23.31
CA THR A 121 41.44 -9.50 -21.92
C THR A 121 40.03 -8.94 -21.76
N PHE A 122 39.21 -9.60 -20.93
CA PHE A 122 37.86 -9.14 -20.66
C PHE A 122 37.84 -8.13 -19.52
N PHE A 123 36.95 -7.14 -19.66
CA PHE A 123 36.56 -6.25 -18.57
C PHE A 123 35.08 -6.48 -18.27
N LEU A 124 34.80 -6.85 -17.01
CA LEU A 124 33.42 -7.01 -16.56
C LEU A 124 33.09 -5.95 -15.51
N PHE A 125 32.00 -5.22 -15.75
CA PHE A 125 31.51 -4.22 -14.81
C PHE A 125 30.31 -4.78 -14.05
N ILE A 126 30.31 -4.54 -12.73
CA ILE A 126 29.25 -5.02 -11.85
C ILE A 126 29.05 -3.97 -10.76
N SER A 127 27.79 -3.66 -10.44
CA SER A 127 27.47 -2.53 -9.58
C SER A 127 27.19 -3.00 -8.15
N ASN A 128 28.06 -3.87 -7.62
CA ASN A 128 27.90 -4.44 -6.30
C ASN A 128 29.23 -5.05 -5.84
N GLN A 129 29.72 -4.59 -4.69
CA GLN A 129 31.02 -4.98 -4.19
C GLN A 129 31.03 -6.47 -3.81
N PHE A 130 30.01 -6.88 -3.04
CA PHE A 130 29.92 -8.25 -2.56
C PHE A 130 29.96 -9.23 -3.73
N LEU A 131 29.14 -8.96 -4.76
CA LEU A 131 29.00 -9.87 -5.89
C LEU A 131 30.29 -9.90 -6.70
N ALA A 132 30.93 -8.73 -6.84
CA ALA A 132 32.23 -8.62 -7.48
C ALA A 132 33.21 -9.62 -6.85
N ASN A 133 33.24 -9.62 -5.50
CA ASN A 133 34.15 -10.46 -4.75
C ASN A 133 33.79 -11.93 -4.94
N THR A 134 32.50 -12.24 -4.84
CA THR A 134 32.00 -13.59 -4.93
C THR A 134 32.24 -14.16 -6.33
N LEU A 135 32.01 -13.33 -7.36
CA LEU A 135 32.18 -13.74 -8.75
C LEU A 135 33.65 -14.04 -9.00
N THR A 136 34.52 -13.10 -8.62
CA THR A 136 35.96 -13.19 -8.79
C THR A 136 36.48 -14.49 -8.17
N GLN A 137 36.04 -14.78 -6.94
CA GLN A 137 36.53 -15.94 -6.20
C GLN A 137 35.97 -17.23 -6.81
N TRP A 138 34.76 -17.14 -7.36
CA TRP A 138 34.10 -18.32 -7.89
C TRP A 138 34.67 -18.71 -9.26
N LEU A 139 35.12 -17.72 -10.04
CA LEU A 139 35.70 -17.98 -11.34
C LEU A 139 37.08 -18.62 -11.17
N LYS A 140 37.84 -18.13 -10.19
CA LYS A 140 39.14 -18.69 -9.84
C LYS A 140 38.96 -20.17 -9.48
N SER A 141 37.91 -20.45 -8.71
CA SER A 141 37.55 -21.78 -8.24
C SER A 141 37.38 -22.76 -9.39
N GLN A 142 37.01 -22.25 -10.57
CA GLN A 142 36.74 -23.09 -11.73
C GLN A 142 37.90 -23.00 -12.73
N ASN A 143 39.06 -22.55 -12.25
CA ASN A 143 40.28 -22.42 -13.05
C ASN A 143 40.10 -21.41 -14.18
N ILE A 144 39.63 -20.20 -13.82
CA ILE A 144 39.56 -19.09 -14.76
C ILE A 144 40.37 -17.94 -14.18
N ASP A 145 41.28 -17.39 -15.00
CA ASP A 145 42.20 -16.35 -14.58
C ASP A 145 41.45 -15.02 -14.46
N ALA A 146 40.76 -14.83 -13.33
CA ALA A 146 39.96 -13.64 -13.07
C ALA A 146 40.48 -12.93 -11.83
N GLU A 147 40.35 -11.60 -11.79
CA GLU A 147 40.78 -10.82 -10.63
C GLU A 147 40.13 -9.43 -10.64
N LEU A 148 40.06 -8.81 -9.44
CA LEU A 148 39.41 -7.52 -9.24
C LEU A 148 40.26 -6.39 -9.82
N TRP A 149 39.60 -5.37 -10.36
CA TRP A 149 40.23 -4.14 -10.81
C TRP A 149 40.51 -3.22 -9.63
N ALA A 150 41.51 -2.34 -9.80
CA ALA A 150 41.83 -1.28 -8.84
C ALA A 150 42.65 -0.20 -9.55
N GLU A 151 42.51 1.04 -9.09
CA GLU A 151 43.34 2.14 -9.57
C GLU A 151 44.77 1.97 -9.05
N HIS A 159 45.68 -8.03 -18.73
CA HIS A 159 46.69 -9.12 -18.55
C HIS A 159 46.01 -10.42 -18.13
N PRO A 160 45.04 -10.41 -17.17
CA PRO A 160 44.25 -11.60 -16.84
C PRO A 160 43.30 -12.03 -17.96
N ALA A 161 42.65 -13.18 -17.76
CA ALA A 161 41.63 -13.66 -18.67
C ALA A 161 40.38 -12.79 -18.56
N ILE A 162 40.10 -12.25 -17.36
CA ILE A 162 38.99 -11.34 -17.13
C ILE A 162 39.22 -10.50 -15.88
N TRP A 163 39.16 -9.16 -16.04
CA TRP A 163 39.07 -8.22 -14.94
C TRP A 163 37.63 -8.14 -14.45
N ILE A 164 37.43 -8.13 -13.12
CA ILE A 164 36.13 -7.87 -12.52
C ILE A 164 36.17 -6.49 -11.87
N CYS A 165 35.38 -5.56 -12.42
CA CYS A 165 35.44 -4.16 -12.00
C CYS A 165 34.12 -3.75 -11.35
N VAL A 166 34.23 -3.14 -10.17
CA VAL A 166 33.11 -2.51 -9.48
C VAL A 166 32.84 -1.18 -10.17
N SER A 167 31.56 -0.93 -10.52
CA SER A 167 31.17 0.19 -11.36
C SER A 167 31.55 1.53 -10.72
N LYS A 168 31.71 1.53 -9.39
CA LYS A 168 32.14 2.70 -8.65
C LYS A 168 33.56 3.09 -9.06
N LYS A 169 34.39 2.10 -9.38
CA LYS A 169 35.80 2.31 -9.67
C LYS A 169 36.03 2.42 -11.18
N ALA A 170 34.98 2.81 -11.92
CA ALA A 170 35.04 2.96 -13.36
C ALA A 170 35.94 4.12 -13.77
N PRO A 171 35.93 5.28 -13.05
CA PRO A 171 36.77 6.42 -13.41
C PRO A 171 38.25 6.12 -13.71
N SER A 172 38.76 4.99 -13.19
CA SER A 172 40.14 4.60 -13.38
C SER A 172 40.30 3.78 -14.66
N ALA A 173 39.32 2.91 -14.94
CA ALA A 173 39.41 1.92 -16.01
C ALA A 173 39.32 2.57 -17.39
N SER A 174 38.66 3.74 -17.46
CA SER A 174 38.44 4.48 -18.70
C SER A 174 39.76 4.82 -19.37
N HIS A 175 40.77 5.16 -18.55
CA HIS A 175 42.10 5.49 -19.01
C HIS A 175 42.70 4.29 -19.75
N PHE A 176 42.42 3.09 -19.24
CA PHE A 176 43.00 1.85 -19.72
C PHE A 176 42.09 1.21 -20.77
N LEU A 177 40.95 1.86 -21.05
CA LEU A 177 40.06 1.45 -22.13
C LEU A 177 40.24 2.40 -23.31
N GLN A 178 41.46 2.95 -23.44
CA GLN A 178 41.88 3.74 -24.58
C GLN A 178 43.09 3.07 -25.25
N SER A 179 43.81 2.25 -24.47
CA SER A 179 45.10 1.70 -24.89
C SER A 179 44.95 0.29 -25.45
N CYS A 180 44.07 -0.51 -24.83
CA CYS A 180 43.89 -1.92 -25.18
C CYS A 180 42.69 -2.16 -26.09
N PRO A 181 41.98 -1.13 -26.63
CA PRO A 181 41.05 -1.32 -27.75
C PRO A 181 41.51 -2.22 -28.89
N ASP A 182 42.82 -2.43 -29.00
CA ASP A 182 43.38 -3.43 -29.90
C ASP A 182 42.94 -4.82 -29.47
N LEU A 183 42.80 -5.04 -28.15
CA LEU A 183 42.35 -6.31 -27.60
C LEU A 183 41.85 -6.18 -26.16
N SER A 184 40.61 -5.67 -26.00
CA SER A 184 39.92 -5.65 -24.71
C SER A 184 38.40 -5.63 -24.90
N ALA A 185 37.73 -6.73 -24.52
CA ALA A 185 36.28 -6.84 -24.61
C ALA A 185 35.63 -6.45 -23.28
N THR A 186 34.39 -5.95 -23.33
CA THR A 186 33.71 -5.39 -22.17
C THR A 186 32.37 -6.07 -21.93
N ILE A 187 32.15 -6.55 -20.70
CA ILE A 187 30.90 -7.15 -20.29
C ILE A 187 30.29 -6.34 -19.15
N PHE A 188 29.02 -5.99 -19.29
CA PHE A 188 28.25 -5.40 -18.21
C PHE A 188 27.41 -6.49 -17.55
N TYR A 189 27.75 -6.81 -16.29
CA TYR A 189 27.01 -7.82 -15.55
C TYR A 189 25.56 -7.38 -15.39
N ASP A 190 25.34 -6.07 -15.25
CA ASP A 190 24.03 -5.53 -14.94
C ASP A 190 23.88 -4.14 -15.58
N ILE A 191 22.62 -3.74 -15.79
CA ILE A 191 22.26 -2.52 -16.49
C ILE A 191 22.58 -1.31 -15.62
N GLU A 192 22.44 -1.45 -14.30
CA GLU A 192 22.80 -0.39 -13.37
C GLU A 192 24.24 0.06 -13.64
N ALA A 193 25.14 -0.92 -13.81
CA ALA A 193 26.54 -0.66 -14.10
C ALA A 193 26.67 0.04 -15.46
N TYR A 194 25.84 -0.37 -16.41
CA TYR A 194 25.85 0.26 -17.72
C TYR A 194 25.42 1.72 -17.61
N MET A 195 24.27 1.96 -16.95
CA MET A 195 23.75 3.29 -16.72
C MET A 195 24.85 4.18 -16.15
N SER A 196 25.50 3.67 -15.10
CA SER A 196 26.50 4.39 -14.32
C SER A 196 27.75 4.70 -15.15
N VAL A 197 28.26 3.68 -15.84
CA VAL A 197 29.54 3.76 -16.52
C VAL A 197 29.42 4.63 -17.79
N THR A 198 28.27 4.51 -18.49
CA THR A 198 28.03 5.23 -19.73
C THR A 198 27.99 6.74 -19.48
N SER A 199 27.39 7.14 -18.35
CA SER A 199 27.19 8.54 -18.03
C SER A 199 28.48 9.20 -17.56
N SER A 200 29.27 8.47 -16.75
CA SER A 200 30.48 9.00 -16.15
C SER A 200 31.61 9.07 -17.18
N LEU A 201 31.93 7.92 -17.78
CA LEU A 201 33.07 7.78 -18.68
C LEU A 201 32.68 8.23 -20.09
N PRO A 202 33.66 8.62 -20.93
CA PRO A 202 33.40 8.83 -22.36
C PRO A 202 33.09 7.49 -23.03
N SER A 203 32.30 7.53 -24.11
CA SER A 203 31.86 6.34 -24.82
C SER A 203 33.05 5.47 -25.19
N ILE A 204 32.94 4.17 -24.87
CA ILE A 204 34.06 3.24 -24.91
C ILE A 204 34.28 2.73 -26.33
N GLN A 205 35.56 2.65 -26.73
CA GLN A 205 35.95 2.03 -27.98
C GLN A 205 36.35 0.58 -27.72
N SER A 206 35.35 -0.30 -27.62
CA SER A 206 35.56 -1.73 -27.50
C SER A 206 34.23 -2.48 -27.65
N LEU A 207 34.33 -3.81 -27.79
CA LEU A 207 33.18 -4.70 -27.81
C LEU A 207 32.47 -4.63 -26.47
N VAL A 208 31.17 -4.31 -26.48
CA VAL A 208 30.35 -4.21 -25.28
C VAL A 208 29.27 -5.28 -25.32
N LEU A 209 29.32 -6.18 -24.33
CA LEU A 209 28.31 -7.20 -24.10
C LEU A 209 27.51 -6.80 -22.87
N ARG A 210 26.17 -6.92 -22.96
CA ARG A 210 25.30 -6.64 -21.83
C ARG A 210 24.54 -7.90 -21.44
N LEU A 211 24.69 -8.31 -20.18
CA LEU A 211 23.89 -9.36 -19.59
C LEU A 211 22.60 -8.72 -19.08
N ILE A 212 21.48 -9.07 -19.72
CA ILE A 212 20.18 -8.49 -19.43
C ILE A 212 19.20 -9.62 -19.14
N HIS A 213 18.62 -9.60 -17.94
CA HIS A 213 17.65 -10.60 -17.55
C HIS A 213 16.32 -10.36 -18.28
N LEU A 214 15.79 -11.43 -18.89
CA LEU A 214 14.54 -11.36 -19.61
C LEU A 214 13.39 -11.11 -18.63
N GLY A 215 12.65 -10.03 -18.88
CA GLY A 215 11.43 -9.71 -18.14
C GLY A 215 11.71 -8.89 -16.88
N SER A 216 12.97 -8.53 -16.67
CA SER A 216 13.39 -7.75 -15.51
C SER A 216 13.32 -6.26 -15.82
N ILE A 217 13.71 -5.43 -14.85
CA ILE A 217 13.80 -3.99 -15.02
C ILE A 217 14.88 -3.65 -16.05
N GLU A 218 15.87 -4.56 -16.18
CA GLU A 218 16.97 -4.38 -17.12
C GLU A 218 16.41 -4.39 -18.54
N HIS A 219 15.52 -5.35 -18.80
CA HIS A 219 14.82 -5.47 -20.08
C HIS A 219 14.01 -4.20 -20.36
N ALA A 220 13.32 -3.69 -19.33
CA ALA A 220 12.47 -2.53 -19.45
C ALA A 220 13.29 -1.28 -19.74
N ILE A 221 14.40 -1.10 -19.00
CA ILE A 221 15.30 0.01 -19.22
C ILE A 221 15.82 -0.02 -20.67
N LYS A 222 16.13 -1.23 -21.16
CA LYS A 222 16.62 -1.43 -22.52
C LYS A 222 15.62 -0.88 -23.54
N CYS A 223 14.32 -1.18 -23.34
CA CYS A 223 13.28 -0.89 -24.32
C CYS A 223 12.88 0.58 -24.31
N PHE A 224 13.24 1.31 -23.24
CA PHE A 224 12.88 2.71 -23.12
C PHE A 224 14.13 3.58 -22.98
N GLN A 225 15.30 2.99 -23.26
CA GLN A 225 16.56 3.71 -23.32
C GLN A 225 16.42 4.89 -24.29
N SER A 226 15.75 4.63 -25.42
CA SER A 226 15.63 5.55 -26.55
C SER A 226 15.04 6.89 -26.13
N SER A 227 14.29 6.91 -25.01
CA SER A 227 13.57 8.10 -24.57
C SER A 227 14.38 8.91 -23.55
N TYR A 228 14.40 8.43 -22.30
CA TYR A 228 14.90 9.17 -21.14
C TYR A 228 14.15 10.48 -20.98
N ASN A 229 12.89 10.51 -21.41
CA ASN A 229 12.05 11.70 -21.32
C ASN A 229 11.29 11.67 -19.99
N ALA A 230 10.18 12.42 -19.93
CA ALA A 230 9.39 12.56 -18.72
C ALA A 230 8.70 11.25 -18.34
N SER A 231 8.49 10.36 -19.33
CA SER A 231 7.71 9.16 -19.12
C SER A 231 8.60 7.93 -18.93
N PHE A 232 9.90 8.15 -18.71
CA PHE A 232 10.86 7.06 -18.66
C PHE A 232 10.65 6.19 -17.43
N LEU A 233 10.62 6.82 -16.24
CA LEU A 233 10.46 6.09 -14.99
C LEU A 233 9.11 5.38 -14.98
N VAL A 234 8.07 6.09 -15.41
CA VAL A 234 6.71 5.59 -15.39
C VAL A 234 6.61 4.29 -16.20
N ASN A 235 7.24 4.28 -17.38
CA ASN A 235 7.12 3.18 -18.32
C ASN A 235 7.86 1.93 -17.83
N ILE A 236 9.09 2.10 -17.34
CA ILE A 236 9.89 0.97 -16.89
C ILE A 236 9.27 0.32 -15.65
N VAL A 237 8.59 1.13 -14.81
CA VAL A 237 7.91 0.61 -13.63
C VAL A 237 6.66 -0.14 -14.08
N GLY A 238 5.89 0.50 -14.99
CA GLY A 238 4.64 -0.05 -15.49
C GLY A 238 4.84 -1.43 -16.13
N VAL A 239 5.86 -1.53 -16.99
CA VAL A 239 6.15 -2.74 -17.74
C VAL A 239 6.52 -3.85 -16.75
N VAL A 240 7.43 -3.53 -15.84
CA VAL A 240 7.88 -4.47 -14.84
C VAL A 240 6.70 -4.91 -13.97
N ALA A 241 5.88 -3.95 -13.55
CA ALA A 241 4.69 -4.23 -12.77
C ALA A 241 3.78 -5.22 -13.51
N THR A 242 3.53 -4.96 -14.80
CA THR A 242 2.65 -5.81 -15.58
C THR A 242 3.23 -7.22 -15.69
N LEU A 243 4.51 -7.30 -16.05
CA LEU A 243 5.17 -8.59 -16.29
C LEU A 243 5.16 -9.45 -15.02
N SER A 244 5.19 -8.80 -13.86
CA SER A 244 5.35 -9.51 -12.58
C SER A 244 4.05 -9.54 -11.79
N SER A 245 2.90 -9.43 -12.46
CA SER A 245 1.61 -9.42 -11.78
C SER A 245 0.94 -10.80 -11.87
N SER A 272 9.97 -17.92 -20.33
CA SER A 272 10.91 -19.00 -19.91
C SER A 272 10.26 -19.86 -18.84
N GLU A 273 10.96 -20.93 -18.42
CA GLU A 273 10.35 -22.01 -17.64
C GLU A 273 11.24 -22.45 -16.48
N SER A 274 11.54 -23.76 -16.42
CA SER A 274 12.03 -24.44 -15.23
C SER A 274 13.56 -24.53 -15.21
N HIS A 275 14.10 -25.10 -14.12
CA HIS A 275 15.53 -25.09 -13.81
C HIS A 275 16.34 -25.81 -14.90
N SER A 276 15.84 -26.97 -15.35
CA SER A 276 16.52 -27.76 -16.36
C SER A 276 16.64 -26.97 -17.66
N SER A 277 15.53 -26.38 -18.10
CA SER A 277 15.44 -25.68 -19.37
C SER A 277 16.28 -24.41 -19.38
N ILE A 278 16.35 -23.72 -18.22
CA ILE A 278 17.15 -22.52 -18.06
C ILE A 278 18.62 -22.85 -18.33
N THR A 279 19.09 -23.95 -17.73
CA THR A 279 20.47 -24.39 -17.83
C THR A 279 20.83 -24.68 -19.29
N GLU A 280 19.92 -25.38 -20.00
CA GLU A 280 20.11 -25.73 -21.40
C GLU A 280 20.28 -24.46 -22.24
N LYS A 281 19.35 -23.52 -22.07
CA LYS A 281 19.32 -22.28 -22.84
C LYS A 281 20.59 -21.48 -22.56
N THR A 282 21.00 -21.42 -21.29
CA THR A 282 22.14 -20.62 -20.86
C THR A 282 23.43 -21.14 -21.50
N ARG A 283 23.57 -22.46 -21.55
CA ARG A 283 24.74 -23.11 -22.12
C ARG A 283 24.80 -22.87 -23.63
N ASP A 284 23.64 -22.99 -24.28
CA ASP A 284 23.54 -22.83 -25.72
C ASP A 284 23.87 -21.38 -26.11
N ILE A 285 23.43 -20.43 -25.27
CA ILE A 285 23.76 -19.03 -25.49
C ILE A 285 25.26 -18.83 -25.29
N ALA A 286 25.82 -19.51 -24.27
CA ALA A 286 27.22 -19.36 -23.90
C ALA A 286 28.13 -19.95 -24.97
N LYS A 287 27.77 -21.13 -25.49
CA LYS A 287 28.51 -21.80 -26.54
C LYS A 287 28.56 -20.91 -27.79
N ASN A 288 27.40 -20.34 -28.14
CA ASN A 288 27.23 -19.53 -29.33
C ASN A 288 28.10 -18.27 -29.27
N VAL A 289 28.12 -17.61 -28.10
CA VAL A 289 28.83 -16.36 -27.92
C VAL A 289 30.34 -16.63 -27.96
N ALA A 290 30.75 -17.73 -27.31
CA ALA A 290 32.16 -18.13 -27.29
C ALA A 290 32.64 -18.38 -28.71
N THR A 291 31.93 -19.28 -29.41
CA THR A 291 32.17 -19.58 -30.81
C THR A 291 32.29 -18.29 -31.60
N TRP A 292 31.40 -17.33 -31.31
CA TRP A 292 31.34 -16.07 -32.02
C TRP A 292 32.61 -15.25 -31.78
N LEU A 293 33.08 -15.24 -30.52
CA LEU A 293 34.26 -14.45 -30.14
C LEU A 293 35.52 -15.04 -30.76
N LYS A 294 35.55 -16.38 -30.90
CA LYS A 294 36.68 -17.10 -31.47
C LYS A 294 36.86 -16.71 -32.94
N ASN A 295 35.75 -16.37 -33.61
CA ASN A 295 35.73 -16.11 -35.04
C ASN A 295 35.71 -14.62 -35.33
N GLY A 296 36.49 -13.85 -34.56
CA GLY A 296 36.82 -12.47 -34.89
C GLY A 296 35.69 -11.46 -34.67
N GLU A 297 34.71 -11.84 -33.83
CA GLU A 297 33.60 -11.00 -33.40
C GLU A 297 32.97 -10.23 -34.57
N ASN A 298 32.41 -10.98 -35.52
CA ASN A 298 31.70 -10.43 -36.67
C ASN A 298 30.36 -9.84 -36.24
N PHE A 299 30.14 -8.55 -36.58
CA PHE A 299 28.87 -7.89 -36.34
C PHE A 299 27.76 -8.62 -37.09
N SER A 300 28.10 -9.15 -38.27
CA SER A 300 27.15 -9.67 -39.24
C SER A 300 26.74 -11.11 -38.90
N SER A 301 27.51 -11.81 -38.05
CA SER A 301 27.19 -13.19 -37.77
C SER A 301 26.89 -13.40 -36.28
N TRP A 302 26.52 -12.29 -35.60
CA TRP A 302 26.02 -12.31 -34.24
C TRP A 302 24.86 -13.30 -34.14
N PRO A 303 24.95 -14.34 -33.28
CA PRO A 303 23.99 -15.45 -33.31
C PRO A 303 22.73 -15.33 -32.45
N LEU A 304 22.64 -14.27 -31.63
CA LEU A 304 21.55 -14.15 -30.67
C LEU A 304 20.44 -13.27 -31.24
N PRO A 305 19.15 -13.63 -31.02
CA PRO A 305 18.06 -12.73 -31.35
C PRO A 305 18.12 -11.55 -30.37
N PRO A 306 17.64 -10.36 -30.76
CA PRO A 306 17.65 -9.22 -29.85
C PRO A 306 16.57 -9.43 -28.79
N LEU A 307 16.61 -8.64 -27.72
CA LEU A 307 15.57 -8.71 -26.70
C LEU A 307 14.25 -8.26 -27.32
N MET A 308 13.16 -8.98 -27.00
CA MET A 308 11.86 -8.67 -27.55
C MET A 308 11.39 -7.30 -27.03
N ASP A 309 10.68 -6.56 -27.89
CA ASP A 309 10.30 -5.19 -27.60
C ASP A 309 9.08 -5.17 -26.69
N LEU A 310 9.13 -4.33 -25.65
CA LEU A 310 8.07 -4.29 -24.64
C LEU A 310 7.32 -2.96 -24.69
N ALA A 311 7.48 -2.22 -25.80
CA ALA A 311 6.93 -0.87 -25.93
C ALA A 311 5.40 -0.88 -25.89
N SER A 312 4.80 -2.00 -26.30
CA SER A 312 3.35 -2.16 -26.32
C SER A 312 2.80 -2.24 -24.89
N LEU A 313 3.68 -2.59 -23.94
CA LEU A 313 3.30 -2.68 -22.53
C LEU A 313 3.55 -1.36 -21.81
N SER A 314 3.78 -0.27 -22.57
CA SER A 314 3.99 1.03 -21.96
C SER A 314 2.68 1.55 -21.36
N VAL A 315 2.78 2.48 -20.40
CA VAL A 315 1.61 2.99 -19.70
C VAL A 315 1.42 4.48 -19.94
N ALA A 316 2.40 5.15 -20.56
CA ALA A 316 2.33 6.60 -20.71
C ALA A 316 2.95 7.07 -22.03
N GLU A 317 2.64 8.32 -22.40
CA GLU A 317 3.07 8.98 -23.62
C GLU A 317 2.48 8.25 -24.84
N LEU B 4 3.97 21.69 8.35
CA LEU B 4 3.63 20.97 9.61
C LEU B 4 4.89 20.34 10.19
N GLU B 5 4.80 19.97 11.49
CA GLU B 5 5.86 19.23 12.16
C GLU B 5 5.29 17.89 12.65
N TYR B 6 5.95 16.81 12.25
CA TYR B 6 5.41 15.47 12.35
C TYR B 6 6.05 14.73 13.54
N LYS B 7 5.32 14.68 14.66
CA LYS B 7 5.90 14.30 15.94
C LYS B 7 5.74 12.80 16.22
N ARG B 8 4.93 12.08 15.43
CA ARG B 8 4.60 10.69 15.75
C ARG B 8 4.10 9.96 14.51
N LYS B 9 4.33 8.64 14.47
CA LYS B 9 3.86 7.79 13.39
C LYS B 9 2.41 7.40 13.63
N PRO B 10 1.55 7.38 12.58
CA PRO B 10 0.14 7.04 12.73
C PRO B 10 -0.09 5.57 13.07
N ILE B 11 0.74 4.69 12.47
CA ILE B 11 0.67 3.26 12.71
C ILE B 11 2.02 2.86 13.33
N PRO B 12 2.08 2.69 14.67
CA PRO B 12 3.36 2.47 15.38
C PRO B 12 4.25 1.37 14.83
N ASP B 13 3.65 0.25 14.41
CA ASP B 13 4.39 -0.94 14.02
C ASP B 13 4.73 -0.94 12.53
N TYR B 14 4.24 0.07 11.79
CA TYR B 14 4.41 0.12 10.35
C TYR B 14 5.72 0.82 9.98
N ASP B 15 6.43 0.22 9.02
CA ASP B 15 7.68 0.76 8.51
C ASP B 15 7.88 0.25 7.08
N PHE B 16 7.63 1.12 6.09
CA PHE B 16 7.57 0.70 4.71
C PHE B 16 8.91 0.13 4.26
N MET B 17 9.98 0.91 4.44
CA MET B 17 11.31 0.55 3.95
C MET B 17 11.83 -0.72 4.63
N LYS B 18 11.52 -0.90 5.92
CA LYS B 18 12.02 -2.03 6.69
C LYS B 18 11.25 -3.30 6.33
N GLY B 19 9.92 -3.18 6.16
CA GLY B 19 9.08 -4.31 5.82
C GLY B 19 9.43 -4.92 4.45
N LEU B 20 10.01 -4.10 3.56
CA LEU B 20 10.43 -4.54 2.25
C LEU B 20 11.60 -5.50 2.39
N GLU B 21 12.64 -5.08 3.12
CA GLU B 21 13.79 -5.92 3.40
C GLU B 21 13.32 -7.22 4.03
N THR B 22 12.46 -7.10 5.06
CA THR B 22 11.93 -8.24 5.78
C THR B 22 11.28 -9.25 4.82
N THR B 23 10.34 -8.77 3.99
CA THR B 23 9.52 -9.65 3.16
C THR B 23 10.35 -10.32 2.07
N LEU B 24 11.35 -9.61 1.54
CA LEU B 24 12.22 -10.13 0.49
C LEU B 24 13.16 -11.19 1.07
N GLN B 25 13.66 -10.94 2.29
CA GLN B 25 14.56 -11.87 2.99
C GLN B 25 13.78 -13.09 3.45
N GLU B 26 12.52 -12.87 3.87
CA GLU B 26 11.64 -13.92 4.34
C GLU B 26 11.32 -14.87 3.19
N LEU B 27 11.25 -14.32 1.97
CA LEU B 27 10.98 -15.13 0.79
C LEU B 27 12.20 -15.97 0.46
N TYR B 28 13.39 -15.41 0.67
CA TYR B 28 14.63 -16.12 0.40
C TYR B 28 14.69 -17.41 1.22
N VAL B 29 14.32 -17.32 2.50
CA VAL B 29 14.40 -18.47 3.40
C VAL B 29 13.29 -19.47 3.10
N GLU B 30 12.18 -18.99 2.54
CA GLU B 30 11.09 -19.88 2.11
C GLU B 30 11.59 -20.78 0.98
N HIS B 31 12.41 -20.23 0.09
CA HIS B 31 12.96 -20.96 -1.04
C HIS B 31 13.94 -22.03 -0.57
N GLN B 32 14.72 -21.71 0.47
CA GLN B 32 15.71 -22.61 1.02
C GLN B 32 15.03 -23.87 1.55
N SER B 33 13.92 -23.67 2.28
CA SER B 33 13.12 -24.76 2.81
C SER B 33 12.59 -25.62 1.67
N LYS B 34 12.12 -24.97 0.60
CA LYS B 34 11.62 -25.68 -0.57
C LYS B 34 12.75 -26.46 -1.24
N LYS B 35 13.96 -25.87 -1.22
CA LYS B 35 15.14 -26.49 -1.83
C LYS B 35 15.55 -27.73 -1.04
N ARG B 36 15.48 -27.64 0.29
CA ARG B 36 15.81 -28.76 1.17
C ARG B 36 14.81 -29.90 0.95
N ARG B 37 13.52 -29.55 0.92
CA ARG B 37 12.43 -30.49 0.79
C ARG B 37 12.52 -31.26 -0.52
N LEU B 38 13.00 -30.58 -1.58
CA LEU B 38 13.19 -31.21 -2.88
C LEU B 38 14.34 -32.21 -2.83
N GLU B 39 15.42 -31.84 -2.14
CA GLU B 39 16.64 -32.62 -2.07
C GLU B 39 16.40 -33.92 -1.28
N LEU B 40 15.50 -33.86 -0.29
CA LEU B 40 15.17 -35.04 0.50
C LEU B 40 14.21 -35.94 -0.27
N PHE B 41 13.21 -35.34 -0.91
CA PHE B 41 12.13 -36.08 -1.56
C PHE B 41 12.10 -35.75 -3.05
N SER C 10 -23.19 23.16 25.84
CA SER C 10 -24.54 23.19 25.22
C SER C 10 -24.79 21.87 24.47
N VAL C 11 -23.79 21.46 23.68
CA VAL C 11 -23.77 20.16 23.01
C VAL C 11 -23.29 19.13 24.03
N LEU C 12 -24.15 18.14 24.33
CA LEU C 12 -23.82 17.10 25.29
C LEU C 12 -23.57 15.79 24.57
N ASP C 13 -22.35 15.25 24.75
CA ASP C 13 -21.89 14.08 24.02
C ASP C 13 -22.29 12.82 24.76
N ILE C 14 -22.74 11.80 24.02
CA ILE C 14 -23.03 10.50 24.58
C ILE C 14 -22.09 9.50 23.92
N GLY C 15 -21.01 9.15 24.64
CA GLY C 15 -20.05 8.18 24.18
C GLY C 15 -20.59 6.77 24.28
N LEU C 16 -20.59 6.06 23.15
CA LEU C 16 -21.12 4.70 23.09
C LEU C 16 -20.03 3.78 22.54
N PRO C 17 -19.89 2.54 23.08
CA PRO C 17 -18.80 1.67 22.67
C PRO C 17 -19.09 1.02 21.33
N MET C 18 -18.03 0.73 20.58
CA MET C 18 -18.15 0.05 19.30
C MET C 18 -18.22 -1.46 19.55
N SER C 19 -18.94 -2.16 18.68
CA SER C 19 -19.04 -3.61 18.74
C SER C 19 -17.73 -4.24 18.30
N ALA C 20 -17.62 -5.56 18.52
CA ALA C 20 -16.45 -6.32 18.09
C ALA C 20 -16.31 -6.27 16.57
N LEU C 21 -17.45 -6.29 15.86
CA LEU C 21 -17.46 -6.28 14.40
C LEU C 21 -16.86 -4.97 13.90
N GLN C 22 -17.28 -3.86 14.51
CA GLN C 22 -16.86 -2.53 14.09
C GLN C 22 -15.34 -2.38 14.24
N ARG C 23 -14.82 -2.85 15.38
CA ARG C 23 -13.41 -2.75 15.71
C ARG C 23 -12.58 -3.60 14.74
N LYS C 24 -13.13 -4.74 14.32
CA LYS C 24 -12.48 -5.60 13.33
C LYS C 24 -12.41 -4.87 12.00
N MET C 25 -13.54 -4.25 11.61
CA MET C 25 -13.66 -3.54 10.34
C MET C 25 -12.74 -2.32 10.33
N MET C 26 -12.62 -1.65 11.48
CA MET C 26 -11.71 -0.52 11.66
C MET C 26 -10.27 -1.01 11.52
N HIS C 27 -9.98 -2.19 12.09
CA HIS C 27 -8.66 -2.80 11.99
C HIS C 27 -8.35 -3.16 10.54
N ARG C 28 -9.34 -3.74 9.84
CA ARG C 28 -9.17 -4.12 8.45
C ARG C 28 -8.98 -2.87 7.59
N LEU C 29 -9.79 -1.84 7.86
CA LEU C 29 -9.77 -0.60 7.11
C LEU C 29 -8.37 0.01 7.14
N VAL C 30 -7.84 0.19 8.35
CA VAL C 30 -6.56 0.83 8.56
C VAL C 30 -5.46 -0.01 7.90
N GLN C 31 -5.59 -1.34 7.99
CA GLN C 31 -4.64 -2.27 7.39
C GLN C 31 -4.63 -2.08 5.87
N TYR C 32 -5.82 -1.95 5.28
CA TYR C 32 -5.96 -1.81 3.84
C TYR C 32 -5.37 -0.48 3.37
N PHE C 33 -5.46 0.55 4.24
CA PHE C 33 -5.01 1.90 3.93
C PHE C 33 -3.63 2.19 4.53
N ALA C 34 -2.92 1.15 5.02
CA ALA C 34 -1.71 1.35 5.80
C ALA C 34 -0.69 2.24 5.10
N PHE C 35 -0.36 1.92 3.84
CA PHE C 35 0.65 2.67 3.09
C PHE C 35 0.24 4.14 2.95
N CYS C 36 -1.03 4.34 2.59
CA CYS C 36 -1.62 5.64 2.31
C CYS C 36 -1.68 6.48 3.59
N ILE C 37 -2.06 5.85 4.70
CA ILE C 37 -2.15 6.54 5.98
C ILE C 37 -0.74 6.96 6.42
N ASP C 38 0.21 6.03 6.32
CA ASP C 38 1.57 6.28 6.76
C ASP C 38 2.18 7.43 5.96
N HIS C 39 1.99 7.39 4.64
CA HIS C 39 2.47 8.41 3.72
C HIS C 39 1.84 9.77 4.05
N PHE C 40 0.51 9.78 4.20
CA PHE C 40 -0.23 11.01 4.37
C PHE C 40 0.13 11.70 5.69
N CYS C 41 0.40 10.90 6.73
CA CYS C 41 0.45 11.41 8.09
C CYS C 41 1.89 11.66 8.55
N THR C 42 2.89 11.39 7.69
CA THR C 42 4.28 11.57 8.10
C THR C 42 5.01 12.57 7.22
N GLY C 43 4.31 13.19 6.27
CA GLY C 43 4.95 14.18 5.41
C GLY C 43 3.97 14.83 4.44
N PRO C 44 4.44 15.80 3.62
CA PRO C 44 3.62 16.39 2.56
C PRO C 44 3.16 15.34 1.55
N SER C 45 1.93 15.50 1.05
CA SER C 45 1.35 14.56 0.11
C SER C 45 0.62 15.31 -0.99
N ASP C 46 0.37 14.63 -2.11
CA ASP C 46 -0.25 15.24 -3.27
C ASP C 46 -1.77 15.15 -3.18
N SER C 47 -2.43 15.83 -4.13
CA SER C 47 -3.88 15.92 -4.25
C SER C 47 -4.53 14.55 -4.22
N ARG C 48 -3.92 13.58 -4.93
CA ARG C 48 -4.54 12.28 -5.18
C ARG C 48 -4.44 11.38 -3.94
N ILE C 49 -3.40 11.57 -3.13
CA ILE C 49 -3.29 10.86 -1.86
C ILE C 49 -4.44 11.31 -0.96
N GLN C 50 -4.61 12.64 -0.88
CA GLN C 50 -5.65 13.29 -0.09
C GLN C 50 -7.02 12.78 -0.50
N GLU C 51 -7.22 12.58 -1.81
CA GLU C 51 -8.47 12.09 -2.36
C GLU C 51 -8.75 10.68 -1.86
N LYS C 52 -7.72 9.84 -1.80
CA LYS C 52 -7.87 8.46 -1.36
C LYS C 52 -8.12 8.42 0.14
N ILE C 53 -7.54 9.38 0.88
CA ILE C 53 -7.73 9.49 2.33
C ILE C 53 -9.20 9.81 2.61
N ARG C 54 -9.85 10.57 1.72
CA ARG C 54 -11.27 10.89 1.87
C ARG C 54 -12.09 9.60 1.93
N LEU C 55 -11.70 8.61 1.12
CA LEU C 55 -12.39 7.32 1.09
C LEU C 55 -12.19 6.56 2.40
N PHE C 56 -11.00 6.70 3.00
CA PHE C 56 -10.72 6.07 4.29
C PHE C 56 -11.63 6.67 5.36
N ILE C 57 -11.69 8.01 5.38
CA ILE C 57 -12.50 8.76 6.31
C ILE C 57 -13.98 8.39 6.18
N GLN C 58 -14.48 8.31 4.95
CA GLN C 58 -15.89 8.02 4.73
C GLN C 58 -16.22 6.60 5.18
N SER C 59 -15.30 5.65 4.91
CA SER C 59 -15.47 4.27 5.33
C SER C 59 -15.55 4.18 6.86
N ALA C 60 -14.74 5.00 7.52
CA ALA C 60 -14.69 5.06 8.98
C ALA C 60 -16.01 5.58 9.54
N HIS C 61 -16.59 6.60 8.89
CA HIS C 61 -17.90 7.10 9.24
C HIS C 61 -18.95 6.00 9.08
N ASN C 62 -18.88 5.29 7.95
CA ASN C 62 -19.87 4.28 7.62
C ASN C 62 -19.88 3.18 8.68
N ILE C 63 -18.68 2.75 9.09
CA ILE C 63 -18.54 1.74 10.13
C ILE C 63 -19.15 2.27 11.44
N ALA C 64 -18.89 3.54 11.74
CA ALA C 64 -19.39 4.18 12.96
C ALA C 64 -20.91 4.35 12.90
N LYS C 65 -21.46 4.56 11.70
CA LYS C 65 -22.90 4.65 11.53
C LYS C 65 -23.53 3.28 11.83
N HIS C 66 -23.16 2.28 11.02
CA HIS C 66 -23.58 0.91 11.21
C HIS C 66 -22.75 0.01 10.31
N PRO C 67 -22.23 -1.14 10.81
CA PRO C 67 -21.48 -2.08 9.98
C PRO C 67 -22.27 -2.72 8.83
N SER C 68 -23.61 -2.68 8.92
CA SER C 68 -24.48 -3.38 7.98
C SER C 68 -24.59 -2.62 6.66
N LEU C 69 -24.05 -1.39 6.63
CA LEU C 69 -23.87 -0.67 5.38
C LEU C 69 -22.98 -1.50 4.44
N TYR C 70 -22.26 -2.48 5.00
CA TYR C 70 -21.40 -3.37 4.24
C TYR C 70 -21.99 -4.76 4.13
N ASP C 71 -23.30 -4.87 4.39
CA ASP C 71 -24.05 -6.08 4.13
C ASP C 71 -24.42 -6.10 2.65
N THR C 72 -24.18 -7.25 1.99
CA THR C 72 -24.38 -7.39 0.55
C THR C 72 -25.87 -7.48 0.24
N GLU C 73 -26.62 -8.15 1.12
CA GLU C 73 -28.05 -8.35 0.92
C GLU C 73 -28.83 -7.49 1.92
N VAL C 74 -30.14 -7.40 1.69
CA VAL C 74 -31.07 -6.70 2.57
C VAL C 74 -31.26 -7.56 3.83
N ARG C 75 -31.93 -7.00 4.83
CA ARG C 75 -32.26 -7.76 6.02
C ARG C 75 -33.42 -7.10 6.76
N ASN C 76 -34.21 -7.96 7.42
CA ASN C 76 -35.18 -7.53 8.42
C ASN C 76 -34.41 -7.24 9.70
N PHE C 94 -35.47 -5.36 10.45
CA PHE C 94 -35.16 -4.76 11.78
C PHE C 94 -34.98 -5.85 12.84
N SER C 95 -34.40 -5.44 13.98
CA SER C 95 -34.17 -6.28 15.16
C SER C 95 -32.83 -6.99 15.06
N SER C 96 -32.30 -7.12 13.84
CA SER C 96 -30.99 -7.72 13.63
C SER C 96 -29.91 -6.66 13.83
N TYR C 97 -30.32 -5.40 13.81
CA TYR C 97 -29.40 -4.28 13.66
C TYR C 97 -28.80 -3.87 14.99
N ALA C 98 -29.62 -3.88 16.06
CA ALA C 98 -29.18 -3.47 17.38
C ALA C 98 -28.09 -4.40 17.91
N GLU C 99 -28.05 -5.61 17.35
CA GLU C 99 -27.07 -6.64 17.66
C GLU C 99 -25.65 -6.09 17.60
N ASN C 100 -25.39 -5.21 16.61
CA ASN C 100 -24.03 -4.78 16.29
C ASN C 100 -23.87 -3.27 16.41
N SER C 101 -24.92 -2.55 16.77
CA SER C 101 -24.84 -1.11 16.98
C SER C 101 -25.35 -0.74 18.37
N SER C 102 -24.46 -0.13 19.18
CA SER C 102 -24.83 0.34 20.50
C SER C 102 -25.63 1.63 20.39
N LYS C 103 -25.64 2.24 19.20
CA LYS C 103 -26.43 3.42 18.94
C LYS C 103 -27.91 3.05 18.83
N PHE C 104 -28.18 1.92 18.16
CA PHE C 104 -29.53 1.40 18.04
C PHE C 104 -30.01 0.94 19.41
N LEU C 105 -29.17 0.16 20.10
CA LEU C 105 -29.48 -0.32 21.44
C LEU C 105 -29.78 0.86 22.36
N PHE C 106 -28.94 1.89 22.31
CA PHE C 106 -29.09 3.07 23.17
C PHE C 106 -30.47 3.70 22.98
N LEU C 107 -30.91 3.81 21.73
CA LEU C 107 -32.15 4.51 21.40
C LEU C 107 -33.36 3.72 21.86
N GLN C 108 -33.28 2.38 21.79
CA GLN C 108 -34.32 1.49 22.28
C GLN C 108 -34.50 1.70 23.78
N GLU C 109 -33.37 1.64 24.51
CA GLU C 109 -33.38 1.66 25.97
C GLU C 109 -33.80 3.03 26.50
N LEU C 110 -33.45 4.09 25.77
CA LEU C 110 -33.81 5.44 26.15
C LEU C 110 -35.33 5.56 26.22
N PHE C 111 -36.02 5.23 25.12
CA PHE C 111 -37.45 5.44 25.00
C PHE C 111 -38.22 4.39 25.80
N LYS C 112 -37.62 3.21 25.99
CA LYS C 112 -38.17 2.17 26.84
C LYS C 112 -38.30 2.70 28.26
N ASN C 113 -37.21 3.29 28.77
CA ASN C 113 -37.11 3.73 30.16
C ASN C 113 -37.67 5.14 30.31
N LEU C 114 -37.89 5.84 29.18
CA LEU C 114 -38.43 7.19 29.21
C LEU C 114 -39.94 7.15 29.47
N SER C 115 -40.59 6.09 28.97
CA SER C 115 -41.97 5.75 29.30
C SER C 115 -42.94 6.76 28.68
N PRO C 116 -44.27 6.67 28.91
CA PRO C 116 -45.21 7.65 28.39
C PRO C 116 -45.35 8.93 29.23
N SER C 117 -44.53 9.04 30.28
CA SER C 117 -44.55 10.18 31.19
C SER C 117 -44.04 11.44 30.48
N TYR C 118 -42.83 11.33 29.89
CA TYR C 118 -42.13 12.43 29.26
C TYR C 118 -42.91 12.92 28.04
N SER C 119 -43.03 14.25 27.91
CA SER C 119 -43.84 14.86 26.86
C SER C 119 -43.12 16.03 26.19
N LYS C 120 -41.93 15.72 25.65
CA LYS C 120 -41.17 16.61 24.80
C LYS C 120 -40.79 15.81 23.55
N THR C 121 -40.70 16.49 22.39
CA THR C 121 -40.57 15.80 21.11
C THR C 121 -39.12 15.81 20.64
N PHE C 122 -38.60 14.62 20.29
CA PHE C 122 -37.22 14.48 19.83
C PHE C 122 -37.14 14.53 18.31
N PHE C 123 -36.08 15.19 17.81
CA PHE C 123 -35.69 15.14 16.41
C PHE C 123 -34.31 14.47 16.32
N LEU C 124 -34.28 13.27 15.74
CA LEU C 124 -33.02 12.57 15.48
C LEU C 124 -32.57 12.85 14.05
N PHE C 125 -31.31 13.24 13.89
CA PHE C 125 -30.74 13.50 12.58
C PHE C 125 -29.71 12.42 12.25
N ILE C 126 -29.79 11.90 11.02
CA ILE C 126 -28.93 10.81 10.56
C ILE C 126 -28.60 11.01 9.08
N SER C 127 -27.37 10.63 8.69
CA SER C 127 -26.85 10.96 7.37
C SER C 127 -26.82 9.72 6.47
N ASN C 128 -27.92 8.96 6.48
CA ASN C 128 -28.07 7.78 5.63
C ASN C 128 -29.54 7.40 5.57
N GLN C 129 -30.08 7.35 4.34
CA GLN C 129 -31.50 7.12 4.09
C GLN C 129 -31.89 5.70 4.53
N PHE C 130 -31.10 4.70 4.11
CA PHE C 130 -31.36 3.31 4.42
C PHE C 130 -31.45 3.10 5.93
N LEU C 131 -30.51 3.69 6.66
CA LEU C 131 -30.44 3.54 8.11
C LEU C 131 -31.59 4.29 8.78
N ALA C 132 -31.98 5.43 8.19
CA ALA C 132 -33.11 6.20 8.68
C ALA C 132 -34.40 5.37 8.60
N ASN C 133 -34.60 4.69 7.46
CA ASN C 133 -35.77 3.84 7.27
C ASN C 133 -35.71 2.68 8.27
N THR C 134 -34.53 2.06 8.37
CA THR C 134 -34.31 0.90 9.20
C THR C 134 -34.52 1.25 10.67
N LEU C 135 -34.06 2.44 11.09
CA LEU C 135 -34.16 2.87 12.48
C LEU C 135 -35.64 3.08 12.83
N THR C 136 -36.37 3.79 11.97
CA THR C 136 -37.77 4.10 12.20
C THR C 136 -38.57 2.80 12.34
N GLN C 137 -38.30 1.85 11.44
CA GLN C 137 -39.08 0.63 11.33
C GLN C 137 -38.72 -0.35 12.45
N TRP C 138 -37.62 -0.05 13.17
CA TRP C 138 -37.23 -0.87 14.31
C TRP C 138 -37.77 -0.29 15.62
N LEU C 139 -37.85 1.05 15.68
CA LEU C 139 -38.42 1.72 16.83
C LEU C 139 -39.94 1.55 16.83
N LYS C 140 -40.52 1.48 15.63
CA LYS C 140 -41.93 1.14 15.45
C LYS C 140 -42.16 -0.29 15.91
N SER C 141 -41.14 -1.13 15.74
CA SER C 141 -41.16 -2.54 16.10
C SER C 141 -41.25 -2.69 17.62
N GLN C 142 -40.63 -1.76 18.37
CA GLN C 142 -40.60 -1.80 19.82
C GLN C 142 -41.62 -0.81 20.40
N ASN C 143 -42.66 -0.48 19.61
CA ASN C 143 -43.79 0.34 20.02
C ASN C 143 -43.32 1.70 20.55
N ILE C 144 -42.28 2.25 19.93
CA ILE C 144 -41.89 3.64 20.17
C ILE C 144 -42.49 4.48 19.05
N ASP C 145 -43.15 5.58 19.42
CA ASP C 145 -43.85 6.42 18.47
C ASP C 145 -42.84 7.20 17.64
N ALA C 146 -42.26 6.53 16.64
CA ALA C 146 -41.26 7.09 15.75
C ALA C 146 -41.79 7.10 14.33
N GLU C 147 -41.38 8.11 13.54
CA GLU C 147 -41.79 8.23 12.15
C GLU C 147 -40.75 9.03 11.38
N LEU C 148 -40.65 8.75 10.07
CA LEU C 148 -39.78 9.51 9.17
C LEU C 148 -40.35 10.91 8.97
N TRP C 149 -39.45 11.90 8.98
CA TRP C 149 -39.81 13.29 8.71
C TRP C 149 -40.05 13.48 7.21
N ALA C 150 -41.31 13.80 6.86
CA ALA C 150 -41.66 14.30 5.54
C ALA C 150 -41.87 15.81 5.64
N GLU C 151 -42.77 16.20 6.57
CA GLU C 151 -42.91 17.59 7.01
C GLU C 151 -43.71 17.60 8.32
N HIS C 159 -44.67 16.18 17.27
CA HIS C 159 -46.03 15.63 17.56
C HIS C 159 -45.94 14.16 17.97
N PRO C 160 -45.13 13.31 17.30
CA PRO C 160 -44.84 11.96 17.80
C PRO C 160 -43.70 11.99 18.81
N ALA C 161 -43.26 10.80 19.24
CA ALA C 161 -42.23 10.67 20.27
C ALA C 161 -40.86 11.04 19.72
N ILE C 162 -40.57 10.66 18.46
CA ILE C 162 -39.30 10.97 17.82
C ILE C 162 -39.43 11.00 16.30
N TRP C 163 -38.96 12.12 15.70
CA TRP C 163 -38.86 12.29 14.26
C TRP C 163 -37.48 11.84 13.78
N ILE C 164 -37.43 10.76 12.98
CA ILE C 164 -36.20 10.31 12.37
C ILE C 164 -36.03 11.07 11.05
N CYS C 165 -35.08 12.02 11.05
CA CYS C 165 -34.88 12.92 9.93
C CYS C 165 -33.53 12.67 9.28
N VAL C 166 -33.51 12.65 7.94
CA VAL C 166 -32.27 12.54 7.19
C VAL C 166 -31.60 13.90 7.18
N SER C 167 -30.27 13.91 7.31
CA SER C 167 -29.49 15.13 7.46
C SER C 167 -29.56 16.00 6.21
N LYS C 168 -29.74 15.36 5.05
CA LYS C 168 -29.92 16.05 3.78
C LYS C 168 -31.17 16.93 3.82
N LYS C 169 -32.19 16.49 4.57
CA LYS C 169 -33.47 17.17 4.63
C LYS C 169 -33.54 18.11 5.84
N ALA C 170 -32.37 18.52 6.34
CA ALA C 170 -32.26 19.42 7.48
C ALA C 170 -32.80 20.81 7.15
N PRO C 171 -32.45 21.42 5.99
CA PRO C 171 -32.90 22.78 5.66
C PRO C 171 -34.39 23.06 5.89
N SER C 172 -35.19 22.00 6.04
CA SER C 172 -36.61 22.12 6.29
C SER C 172 -36.91 22.21 7.78
N ALA C 173 -36.20 21.40 8.59
CA ALA C 173 -36.48 21.23 10.00
C ALA C 173 -36.11 22.48 10.80
N SER C 174 -35.09 23.22 10.32
CA SER C 174 -34.59 24.46 10.91
C SER C 174 -35.74 25.38 11.28
N HIS C 175 -36.63 25.60 10.30
CA HIS C 175 -37.77 26.49 10.42
C HIS C 175 -38.60 26.11 11.64
N PHE C 176 -38.68 24.79 11.90
CA PHE C 176 -39.56 24.24 12.93
C PHE C 176 -38.78 24.03 14.23
N LEU C 177 -37.45 24.25 14.17
CA LEU C 177 -36.61 24.24 15.35
C LEU C 177 -36.40 25.67 15.85
N GLN C 178 -37.40 26.53 15.56
CA GLN C 178 -37.43 27.91 16.02
C GLN C 178 -38.70 28.14 16.83
N SER C 179 -39.73 27.30 16.61
CA SER C 179 -41.04 27.50 17.20
C SER C 179 -41.25 26.61 18.44
N CYS C 180 -40.66 25.41 18.41
CA CYS C 180 -40.83 24.43 19.48
C CYS C 180 -39.64 24.39 20.44
N PRO C 181 -38.63 25.30 20.38
CA PRO C 181 -37.60 25.40 21.44
C PRO C 181 -38.15 25.36 22.87
N ASP C 182 -39.44 25.67 23.01
CA ASP C 182 -40.15 25.48 24.27
C ASP C 182 -40.08 24.00 24.65
N LEU C 183 -40.22 23.11 23.66
CA LEU C 183 -40.23 21.67 23.91
C LEU C 183 -39.86 20.86 22.66
N SER C 184 -38.59 20.92 22.25
CA SER C 184 -38.05 20.04 21.22
C SER C 184 -36.56 19.80 21.43
N ALA C 185 -36.21 18.54 21.73
CA ALA C 185 -34.82 18.13 21.91
C ALA C 185 -34.27 17.52 20.62
N THR C 186 -32.94 17.51 20.48
CA THR C 186 -32.29 17.08 19.25
C THR C 186 -31.21 16.04 19.53
N ILE C 187 -31.27 14.94 18.78
CA ILE C 187 -30.26 13.89 18.81
C ILE C 187 -29.57 13.82 17.45
N PHE C 188 -28.23 13.92 17.46
CA PHE C 188 -27.42 13.66 16.29
C PHE C 188 -26.87 12.24 16.36
N TYR C 189 -27.29 11.42 15.39
CA TYR C 189 -26.94 10.00 15.38
C TYR C 189 -25.47 9.81 15.01
N ASP C 190 -24.96 10.68 14.13
CA ASP C 190 -23.60 10.57 13.61
C ASP C 190 -23.04 11.97 13.42
N ILE C 191 -21.71 12.07 13.31
CA ILE C 191 -21.02 13.35 13.34
C ILE C 191 -21.26 14.12 12.04
N GLU C 192 -21.40 13.39 10.93
CA GLU C 192 -21.73 13.97 9.64
C GLU C 192 -23.06 14.72 9.76
N ALA C 193 -24.05 14.04 10.36
CA ALA C 193 -25.34 14.65 10.61
C ALA C 193 -25.17 15.93 11.43
N TYR C 194 -24.29 15.89 12.44
CA TYR C 194 -24.06 17.06 13.29
C TYR C 194 -23.49 18.21 12.47
N MET C 195 -22.43 17.92 11.69
CA MET C 195 -21.71 18.97 10.97
C MET C 195 -22.62 19.61 9.92
N SER C 196 -23.37 18.76 9.20
CA SER C 196 -24.23 19.19 8.11
C SER C 196 -25.34 20.11 8.62
N VAL C 197 -26.01 19.71 9.71
CA VAL C 197 -27.18 20.40 10.21
C VAL C 197 -26.76 21.67 10.95
N THR C 198 -25.66 21.59 11.72
CA THR C 198 -25.18 22.69 12.55
C THR C 198 -24.92 23.92 11.67
N SER C 199 -24.27 23.72 10.53
CA SER C 199 -23.86 24.81 9.66
C SER C 199 -25.04 25.33 8.85
N SER C 200 -25.75 24.40 8.19
CA SER C 200 -26.81 24.73 7.25
C SER C 200 -27.93 25.53 7.93
N LEU C 201 -28.23 25.17 9.19
CA LEU C 201 -29.24 25.88 9.96
C LEU C 201 -28.55 26.93 10.83
N PRO C 202 -29.29 27.92 11.38
CA PRO C 202 -28.74 28.80 12.42
C PRO C 202 -28.58 28.03 13.73
N SER C 203 -28.10 28.71 14.77
CA SER C 203 -27.81 28.10 16.06
C SER C 203 -29.10 27.58 16.70
N ILE C 204 -29.14 26.27 16.95
CA ILE C 204 -30.27 25.61 17.59
C ILE C 204 -30.22 25.90 19.09
N GLN C 205 -31.27 26.56 19.60
CA GLN C 205 -31.28 27.05 20.96
C GLN C 205 -32.14 26.17 21.86
N SER C 206 -32.21 24.87 21.51
CA SER C 206 -32.80 23.85 22.35
C SER C 206 -31.72 22.82 22.69
N LEU C 207 -32.12 21.70 23.30
CA LEU C 207 -31.18 20.68 23.75
C LEU C 207 -30.57 19.93 22.56
N VAL C 208 -29.26 19.70 22.63
CA VAL C 208 -28.52 18.96 21.60
C VAL C 208 -27.77 17.80 22.25
N LEU C 209 -28.11 16.58 21.81
CA LEU C 209 -27.44 15.34 22.21
C LEU C 209 -26.71 14.78 20.98
N ARG C 210 -25.49 14.27 21.18
CA ARG C 210 -24.71 13.67 20.11
C ARG C 210 -24.31 12.23 20.47
N LEU C 211 -24.62 11.30 19.57
CA LEU C 211 -24.20 9.92 19.69
C LEU C 211 -22.83 9.79 19.04
N ILE C 212 -21.82 9.45 19.85
CA ILE C 212 -20.44 9.39 19.38
C ILE C 212 -19.80 8.08 19.85
N HIS C 213 -19.30 7.30 18.88
CA HIS C 213 -18.66 6.02 19.16
C HIS C 213 -17.25 6.21 19.70
N LEU C 214 -16.98 5.61 20.87
CA LEU C 214 -15.70 5.74 21.55
C LEU C 214 -14.61 5.11 20.68
N GLY C 215 -13.57 5.92 20.39
CA GLY C 215 -12.39 5.44 19.69
C GLY C 215 -12.56 5.39 18.17
N SER C 216 -13.72 5.90 17.69
CA SER C 216 -14.01 5.97 16.27
C SER C 216 -13.55 7.32 15.73
N ILE C 217 -13.75 7.51 14.42
CA ILE C 217 -13.40 8.76 13.75
C ILE C 217 -14.26 9.90 14.30
N GLU C 218 -15.44 9.56 14.86
CA GLU C 218 -16.34 10.55 15.45
C GLU C 218 -15.69 11.16 16.69
N HIS C 219 -15.15 10.30 17.57
CA HIS C 219 -14.38 10.73 18.73
C HIS C 219 -13.26 11.66 18.28
N ALA C 220 -12.54 11.24 17.24
CA ALA C 220 -11.35 11.95 16.77
C ALA C 220 -11.72 13.35 16.28
N ILE C 221 -12.76 13.44 15.45
CA ILE C 221 -13.24 14.70 14.91
C ILE C 221 -13.62 15.63 16.05
N LYS C 222 -14.34 15.08 17.04
CA LYS C 222 -14.75 15.83 18.22
C LYS C 222 -13.56 16.52 18.88
N CYS C 223 -12.44 15.79 19.04
CA CYS C 223 -11.31 16.30 19.80
C CYS C 223 -10.55 17.37 19.04
N PHE C 224 -10.54 17.26 17.69
CA PHE C 224 -9.74 18.16 16.86
C PHE C 224 -10.60 19.20 16.15
N GLN C 225 -11.91 19.21 16.43
CA GLN C 225 -12.80 20.27 15.98
C GLN C 225 -12.17 21.62 16.33
N SER C 226 -11.83 21.76 17.62
CA SER C 226 -11.40 22.97 18.29
C SER C 226 -10.65 23.95 17.39
N SER C 227 -9.65 23.45 16.66
CA SER C 227 -8.65 24.29 16.00
C SER C 227 -9.22 25.03 14.80
N TYR C 228 -9.81 24.26 13.85
CA TYR C 228 -10.19 24.75 12.53
C TYR C 228 -8.96 25.27 11.79
N ASN C 229 -8.09 24.33 11.35
CA ASN C 229 -6.77 24.65 10.83
C ASN C 229 -6.30 23.59 9.83
N ALA C 230 -4.97 23.38 9.76
CA ALA C 230 -4.33 22.68 8.66
C ALA C 230 -3.82 21.29 9.04
N SER C 231 -3.75 21.00 10.35
CA SER C 231 -3.26 19.71 10.83
C SER C 231 -4.43 18.79 11.19
N PHE C 232 -5.63 19.19 10.74
CA PHE C 232 -6.88 18.56 11.13
C PHE C 232 -6.96 17.13 10.59
N LEU C 233 -6.94 16.98 9.26
CA LEU C 233 -7.09 15.68 8.61
C LEU C 233 -6.04 14.70 9.09
N VAL C 234 -4.79 15.20 9.17
CA VAL C 234 -3.64 14.38 9.51
C VAL C 234 -3.85 13.78 10.91
N ASN C 235 -4.43 14.57 11.81
CA ASN C 235 -4.58 14.17 13.20
C ASN C 235 -5.71 13.15 13.37
N ILE C 236 -6.86 13.39 12.73
CA ILE C 236 -8.01 12.50 12.90
C ILE C 236 -7.68 11.13 12.29
N VAL C 237 -6.98 11.14 11.16
CA VAL C 237 -6.55 9.91 10.49
C VAL C 237 -5.51 9.21 11.37
N GLY C 238 -4.50 9.96 11.82
CA GLY C 238 -3.43 9.41 12.65
C GLY C 238 -3.97 8.76 13.92
N VAL C 239 -4.88 9.48 14.59
CA VAL C 239 -5.43 9.05 15.86
C VAL C 239 -6.23 7.75 15.67
N VAL C 240 -7.08 7.73 14.64
CA VAL C 240 -7.91 6.58 14.33
C VAL C 240 -7.03 5.40 13.92
N ALA C 241 -6.00 5.68 13.11
CA ALA C 241 -5.04 4.65 12.70
C ALA C 241 -4.42 3.99 13.93
N THR C 242 -3.98 4.81 14.89
CA THR C 242 -3.31 4.32 16.09
C THR C 242 -4.26 3.47 16.94
N LEU C 243 -5.51 3.90 17.06
CA LEU C 243 -6.46 3.21 17.93
C LEU C 243 -6.94 1.90 17.30
N SER C 244 -6.72 1.74 15.99
CA SER C 244 -7.18 0.56 15.27
C SER C 244 -6.00 -0.32 14.82
N SER C 245 -4.84 -0.16 15.47
CA SER C 245 -3.66 -0.94 15.11
C SER C 245 -3.47 -2.09 16.10
N SER C 274 -17.09 -9.18 25.12
CA SER C 274 -17.46 -7.76 25.38
C SER C 274 -18.94 -7.54 25.09
N HIS C 275 -19.60 -8.54 24.50
CA HIS C 275 -20.96 -8.42 24.00
C HIS C 275 -21.92 -7.99 25.12
N SER C 276 -21.97 -8.79 26.20
CA SER C 276 -22.91 -8.57 27.29
C SER C 276 -22.58 -7.29 28.06
N SER C 277 -21.29 -6.99 28.20
CA SER C 277 -20.83 -5.80 28.91
C SER C 277 -21.13 -4.54 28.11
N ILE C 278 -21.00 -4.63 26.77
CA ILE C 278 -21.41 -3.56 25.87
C ILE C 278 -22.90 -3.29 26.07
N THR C 279 -23.68 -4.37 26.19
CA THR C 279 -25.12 -4.29 26.36
C THR C 279 -25.47 -3.62 27.70
N GLU C 280 -24.69 -3.96 28.75
CA GLU C 280 -24.93 -3.46 30.09
C GLU C 280 -24.68 -1.95 30.14
N LYS C 281 -23.50 -1.54 29.66
CA LYS C 281 -23.05 -0.15 29.72
C LYS C 281 -24.05 0.74 29.00
N THR C 282 -24.43 0.32 27.79
CA THR C 282 -25.36 1.06 26.95
C THR C 282 -26.70 1.21 27.65
N ARG C 283 -27.14 0.13 28.33
CA ARG C 283 -28.38 0.15 29.08
C ARG C 283 -28.28 1.16 30.23
N ASP C 284 -27.14 1.15 30.94
CA ASP C 284 -26.90 2.06 32.05
C ASP C 284 -26.91 3.50 31.56
N ILE C 285 -26.23 3.76 30.43
CA ILE C 285 -26.13 5.09 29.87
C ILE C 285 -27.52 5.60 29.51
N ALA C 286 -28.33 4.73 28.87
CA ALA C 286 -29.66 5.09 28.42
C ALA C 286 -30.56 5.42 29.61
N LYS C 287 -30.46 4.62 30.68
CA LYS C 287 -31.25 4.82 31.90
C LYS C 287 -30.90 6.16 32.54
N ASN C 288 -29.60 6.50 32.54
CA ASN C 288 -29.10 7.71 33.18
C ASN C 288 -29.59 8.95 32.43
N VAL C 289 -29.51 8.90 31.09
CA VAL C 289 -29.94 10.00 30.25
C VAL C 289 -31.45 10.20 30.40
N ALA C 290 -32.20 9.08 30.43
CA ALA C 290 -33.64 9.12 30.57
C ALA C 290 -34.02 9.75 31.90
N THR C 291 -33.38 9.25 32.98
CA THR C 291 -33.54 9.78 34.32
C THR C 291 -33.24 11.28 34.31
N TRP C 292 -32.17 11.66 33.61
CA TRP C 292 -31.72 13.05 33.55
C TRP C 292 -32.75 13.93 32.85
N LEU C 293 -33.38 13.39 31.80
CA LEU C 293 -34.36 14.12 31.01
C LEU C 293 -35.63 14.32 31.82
N LYS C 294 -35.99 13.31 32.63
CA LYS C 294 -37.20 13.35 33.44
C LYS C 294 -37.12 14.46 34.48
N ASN C 295 -35.90 14.75 34.96
CA ASN C 295 -35.72 15.64 36.10
C ASN C 295 -35.47 17.08 35.65
N GLY C 296 -35.88 17.40 34.42
CA GLY C 296 -35.86 18.78 33.93
C GLY C 296 -34.50 19.19 33.38
N GLU C 297 -33.76 18.20 32.86
CA GLU C 297 -32.50 18.37 32.15
C GLU C 297 -31.65 19.45 32.83
N ASN C 298 -31.24 19.18 34.08
CA ASN C 298 -30.42 20.09 34.85
C ASN C 298 -28.96 19.98 34.41
N PHE C 299 -28.33 21.14 34.18
CA PHE C 299 -27.00 21.20 33.62
C PHE C 299 -25.98 20.55 34.57
N SER C 300 -26.09 20.86 35.87
CA SER C 300 -25.06 20.50 36.83
C SER C 300 -25.15 19.04 37.25
N SER C 301 -26.17 18.32 36.75
CA SER C 301 -26.35 16.93 37.14
C SER C 301 -26.27 16.00 35.94
N TRP C 302 -25.70 16.49 34.82
CA TRP C 302 -25.52 15.67 33.63
C TRP C 302 -24.66 14.45 33.99
N PRO C 303 -25.21 13.22 33.85
CA PRO C 303 -24.59 12.03 34.46
C PRO C 303 -23.40 11.39 33.75
N LEU C 304 -23.17 11.72 32.48
CA LEU C 304 -22.18 11.03 31.69
C LEU C 304 -20.84 11.76 31.73
N PRO C 305 -19.70 11.04 31.78
CA PRO C 305 -18.38 11.69 31.69
C PRO C 305 -18.15 12.23 30.29
N PRO C 306 -17.31 13.28 30.12
CA PRO C 306 -17.00 13.81 28.79
C PRO C 306 -16.13 12.81 28.04
N LEU C 307 -16.06 12.94 26.72
CA LEU C 307 -15.19 12.09 25.93
C LEU C 307 -13.73 12.37 26.29
N MET C 308 -12.95 11.31 26.48
CA MET C 308 -11.55 11.47 26.87
C MET C 308 -10.80 12.20 25.77
N ASP C 309 -9.84 13.04 26.18
CA ASP C 309 -9.07 13.85 25.25
C ASP C 309 -8.08 12.96 24.50
N LEU C 310 -7.98 13.16 23.18
CA LEU C 310 -7.11 12.34 22.35
C LEU C 310 -5.98 13.18 21.75
N ALA C 311 -5.75 14.38 22.30
CA ALA C 311 -4.73 15.28 21.81
C ALA C 311 -3.32 14.68 21.94
N SER C 312 -3.13 13.76 22.89
CA SER C 312 -1.83 13.17 23.16
C SER C 312 -1.42 12.20 22.05
N LEU C 313 -2.41 11.75 21.27
CA LEU C 313 -2.19 10.84 20.17
C LEU C 313 -2.05 11.59 18.84
N SER C 314 -1.90 12.92 18.91
CA SER C 314 -1.76 13.70 17.68
C SER C 314 -0.45 13.38 16.99
N VAL C 315 -0.44 13.39 15.65
CA VAL C 315 0.73 13.01 14.89
C VAL C 315 1.46 14.23 14.34
N ALA C 316 0.79 15.40 14.33
CA ALA C 316 1.37 16.60 13.75
C ALA C 316 1.00 17.85 14.55
N GLU C 317 1.70 18.95 14.23
CA GLU C 317 1.56 20.26 14.86
C GLU C 317 1.84 20.14 16.37
N ILE D 2 6.63 17.52 -15.82
CA ILE D 2 5.86 17.81 -17.07
C ILE D 2 4.77 16.76 -17.22
N GLU D 3 3.61 17.19 -17.75
CA GLU D 3 2.39 16.42 -17.79
C GLU D 3 2.48 15.31 -18.84
N LEU D 4 1.77 14.21 -18.60
CA LEU D 4 1.84 13.00 -19.41
C LEU D 4 0.43 12.52 -19.79
N GLU D 5 0.33 11.88 -20.96
CA GLU D 5 -0.88 11.18 -21.38
C GLU D 5 -0.79 9.73 -20.90
N TYR D 6 -1.83 9.27 -20.20
CA TYR D 6 -1.83 7.97 -19.53
C TYR D 6 -2.64 6.96 -20.33
N LYS D 7 -1.95 5.90 -20.80
CA LYS D 7 -2.52 4.94 -21.71
C LYS D 7 -3.17 3.78 -20.94
N ARG D 8 -2.51 3.31 -19.88
CA ARG D 8 -2.76 1.98 -19.35
C ARG D 8 -2.47 1.93 -17.85
N LYS D 9 -3.03 0.91 -17.17
CA LYS D 9 -2.77 0.64 -15.77
C LYS D 9 -1.51 -0.22 -15.63
N PRO D 10 -0.66 0.02 -14.61
CA PRO D 10 0.55 -0.78 -14.41
C PRO D 10 0.24 -2.21 -13.96
N ILE D 11 -0.72 -2.35 -13.06
CA ILE D 11 -1.17 -3.65 -12.55
C ILE D 11 -2.62 -3.84 -12.99
N PRO D 12 -2.86 -4.60 -14.08
CA PRO D 12 -4.17 -4.62 -14.73
C PRO D 12 -5.36 -4.94 -13.81
N ASP D 13 -5.17 -5.86 -12.87
CA ASP D 13 -6.26 -6.36 -12.04
C ASP D 13 -6.40 -5.53 -10.76
N TYR D 14 -5.46 -4.60 -10.53
CA TYR D 14 -5.45 -3.78 -9.32
C TYR D 14 -6.58 -2.76 -9.39
N ASP D 15 -7.44 -2.77 -8.36
CA ASP D 15 -8.52 -1.81 -8.19
C ASP D 15 -8.69 -1.51 -6.70
N PHE D 16 -8.18 -0.35 -6.28
CA PHE D 16 -8.09 0.00 -4.87
C PHE D 16 -9.47 0.11 -4.24
N MET D 17 -10.40 0.77 -4.94
CA MET D 17 -11.73 1.03 -4.43
C MET D 17 -12.53 -0.26 -4.28
N LYS D 18 -12.47 -1.13 -5.29
CA LYS D 18 -13.27 -2.35 -5.27
C LYS D 18 -12.73 -3.32 -4.23
N GLY D 19 -11.40 -3.38 -4.10
CA GLY D 19 -10.73 -4.21 -3.11
C GLY D 19 -11.17 -3.85 -1.69
N LEU D 20 -11.41 -2.56 -1.45
CA LEU D 20 -11.89 -2.09 -0.16
C LEU D 20 -13.32 -2.60 0.05
N GLU D 21 -14.21 -2.29 -0.92
CA GLU D 21 -15.59 -2.70 -0.88
C GLU D 21 -15.65 -4.20 -0.54
N THR D 22 -14.89 -4.99 -1.32
CA THR D 22 -14.87 -6.44 -1.22
C THR D 22 -14.48 -6.88 0.20
N THR D 23 -13.31 -6.43 0.66
CA THR D 23 -12.71 -6.96 1.88
C THR D 23 -13.58 -6.64 3.10
N LEU D 24 -14.23 -5.48 3.09
CA LEU D 24 -15.10 -5.05 4.18
C LEU D 24 -16.36 -5.90 4.22
N GLN D 25 -16.89 -6.26 3.04
CA GLN D 25 -18.07 -7.09 2.93
C GLN D 25 -17.72 -8.54 3.25
N GLU D 26 -16.51 -8.95 2.82
CA GLU D 26 -15.97 -10.27 3.05
C GLU D 26 -15.87 -10.53 4.56
N LEU D 27 -15.42 -9.51 5.30
CA LEU D 27 -15.28 -9.58 6.74
C LEU D 27 -16.67 -9.72 7.37
N TYR D 28 -17.62 -8.93 6.87
CA TYR D 28 -18.96 -8.86 7.43
C TYR D 28 -19.63 -10.25 7.39
N VAL D 29 -19.60 -10.90 6.23
CA VAL D 29 -20.28 -12.18 6.05
C VAL D 29 -19.54 -13.29 6.80
N GLU D 30 -18.20 -13.16 6.92
CA GLU D 30 -17.40 -14.15 7.60
C GLU D 30 -17.50 -14.00 9.11
N HIS D 31 -18.06 -12.86 9.56
CA HIS D 31 -18.43 -12.67 10.96
C HIS D 31 -19.74 -13.39 11.24
N GLN D 32 -20.62 -13.45 10.23
CA GLN D 32 -21.91 -14.11 10.33
C GLN D 32 -21.71 -15.63 10.41
N SER D 33 -20.57 -16.11 9.92
CA SER D 33 -20.21 -17.51 9.98
C SER D 33 -20.03 -17.94 11.43
N LYS D 34 -19.39 -17.08 12.24
CA LYS D 34 -19.12 -17.36 13.63
C LYS D 34 -20.38 -17.13 14.46
N LYS D 35 -21.34 -16.36 13.91
CA LYS D 35 -22.65 -16.20 14.51
C LYS D 35 -23.41 -17.52 14.42
N ARG D 36 -23.30 -18.19 13.27
CA ARG D 36 -23.87 -19.52 13.05
C ARG D 36 -23.10 -20.53 13.90
N ARG D 37 -21.77 -20.51 13.77
CA ARG D 37 -20.88 -21.33 14.57
C ARG D 37 -20.77 -20.73 15.97
#